data_6KZT
#
_entry.id   6KZT
#
_cell.length_a   117.508
_cell.length_b   117.508
_cell.length_c   75.164
_cell.angle_alpha   90.000
_cell.angle_beta   90.000
_cell.angle_gamma   120.000
#
_symmetry.space_group_name_H-M   'P 61'
#
loop_
_entity.id
_entity.type
_entity.pdbx_description
1 polymer 'Cytochrome P-450'
2 non-polymer 'PROTOPORPHYRIN IX CONTAINING FE'
#
_entity_poly.entity_id   1
_entity_poly.type   'polypeptide(L)'
_entity_poly.pdbx_seq_one_letter_code
;MHHHHHHENTSVQNKETVRNCPFDYAHELEFDPQLRQLLTEEPVSRIRMAYGEGEAWLVTRYEDVRTVTTDRRFSRSAVL
GRDFPRMTPEPIVQAESINLMDPPASSRLRGLVAKSFTPRRVEQMRGGTQRVVDRLLDEMEEEGSPADFVARVSAPLPLI
TICEALDIPEADRPWLRAHAMTMMNVGAAGKQDAVRAKAELRGYFQELTADRRRSPGEDLISTLATARDGDELLDDDELA
VMAMVLLITGQDTTTYQLGNIAYTLLTRPDLLRSLRAEPQRLPRTLEELLRHIPFRKGVGIPRIALEDVELSGVLIKAGD
VVHVSYLTANRDSAKFDRPDELDPDRPTIPHMTFGWGAHHCLGAPLATMELEVAFSTLLTRFPALRLDVPPEDVSWNTTS
IWRYPLALPVTW
;
_entity_poly.pdbx_strand_id   A
#
loop_
_chem_comp.id
_chem_comp.type
_chem_comp.name
_chem_comp.formula
HEM non-polymer 'PROTOPORPHYRIN IX CONTAINING FE' 'C34 H32 Fe N4 O4'
#
# COMPACT_ATOMS: atom_id res chain seq x y z
N THR A 17 -21.22 21.47 9.43
CA THR A 17 -20.12 21.28 10.43
C THR A 17 -19.41 19.95 10.09
N VAL A 18 -20.17 18.88 9.82
CA VAL A 18 -19.68 17.50 9.53
C VAL A 18 -19.67 17.25 8.02
N ARG A 19 -18.49 17.12 7.39
CA ARG A 19 -18.41 16.93 5.91
C ARG A 19 -18.79 15.49 5.53
N ASN A 20 -19.52 15.31 4.42
CA ASN A 20 -19.76 14.00 3.75
C ASN A 20 -18.49 13.59 3.00
N CYS A 21 -18.02 12.37 3.24
CA CYS A 21 -16.78 11.84 2.60
C CYS A 21 -17.02 10.41 2.11
N PRO A 22 -17.74 10.25 0.97
CA PRO A 22 -17.85 8.95 0.34
C PRO A 22 -16.47 8.51 -0.17
N PHE A 23 -15.65 9.51 -0.53
CA PHE A 23 -14.27 9.38 -1.03
C PHE A 23 -14.27 8.61 -2.37
N ASP A 24 -15.19 8.95 -3.28
CA ASP A 24 -15.49 8.17 -4.51
C ASP A 24 -14.68 8.68 -5.71
N TYR A 25 -14.02 9.85 -5.60
CA TYR A 25 -13.24 10.52 -6.67
C TYR A 25 -12.25 9.50 -7.27
N ALA A 26 -12.13 9.45 -8.62
CA ALA A 26 -11.33 8.41 -9.32
C ALA A 26 -10.68 8.92 -10.62
N HIS A 27 -10.94 10.18 -11.02
CA HIS A 27 -10.50 10.81 -12.30
C HIS A 27 -8.97 10.73 -12.45
N GLU A 28 -8.49 9.78 -13.26
CA GLU A 28 -7.04 9.57 -13.54
C GLU A 28 -6.31 9.44 -12.20
N LEU A 29 -5.24 10.22 -12.01
CA LEU A 29 -4.46 10.36 -10.77
C LEU A 29 -4.62 11.79 -10.23
N GLU A 30 -5.62 12.54 -10.69
CA GLU A 30 -5.87 13.92 -10.20
C GLU A 30 -6.10 13.87 -8.69
N PHE A 31 -5.52 14.81 -7.97
CA PHE A 31 -5.68 14.93 -6.50
C PHE A 31 -7.14 15.25 -6.19
N ASP A 32 -7.74 14.43 -5.35
CA ASP A 32 -9.13 14.62 -4.89
C ASP A 32 -9.33 16.07 -4.48
N PRO A 33 -10.23 16.83 -5.15
CA PRO A 33 -10.41 18.24 -4.80
C PRO A 33 -10.89 18.39 -3.35
N GLN A 34 -11.82 17.56 -2.88
CA GLN A 34 -12.34 17.66 -1.48
C GLN A 34 -11.15 17.66 -0.50
N LEU A 35 -10.17 16.78 -0.75
CA LEU A 35 -8.96 16.69 0.08
C LEU A 35 -8.16 18.01 0.00
N ARG A 36 -7.88 18.55 -1.20
CA ARG A 36 -7.07 19.80 -1.40
C ARG A 36 -7.70 20.94 -0.61
N GLN A 37 -9.04 20.99 -0.63
CA GLN A 37 -9.91 22.01 0.04
C GLN A 37 -9.79 21.84 1.57
N LEU A 38 -9.85 20.62 2.09
CA LEU A 38 -9.71 20.36 3.54
C LEU A 38 -8.27 20.61 4.00
N LEU A 39 -7.26 20.54 3.11
CA LEU A 39 -5.83 20.74 3.49
C LEU A 39 -5.66 22.23 3.75
N THR A 40 -5.95 23.01 2.72
CA THR A 40 -5.73 24.47 2.68
C THR A 40 -6.70 25.17 3.63
N GLU A 41 -7.85 24.60 3.99
CA GLU A 41 -8.91 25.44 4.61
C GLU A 41 -9.44 24.88 5.93
N GLU A 42 -9.38 23.57 6.17
CA GLU A 42 -9.79 22.96 7.47
C GLU A 42 -8.93 21.73 7.74
N PRO A 43 -7.61 21.94 7.88
CA PRO A 43 -6.64 20.86 7.97
C PRO A 43 -6.89 19.84 9.10
N VAL A 44 -7.77 20.21 10.04
CA VAL A 44 -8.42 19.29 11.02
C VAL A 44 -9.94 19.53 10.92
N SER A 45 -10.66 18.51 10.45
CA SER A 45 -12.09 18.57 10.06
C SER A 45 -12.85 17.40 10.68
N ARG A 46 -14.12 17.63 11.04
CA ARG A 46 -15.09 16.56 11.40
C ARG A 46 -15.65 15.98 10.10
N ILE A 47 -15.67 14.65 9.99
CA ILE A 47 -16.19 13.93 8.78
C ILE A 47 -16.98 12.69 9.22
N ARG A 48 -17.65 12.08 8.23
CA ARG A 48 -18.47 10.85 8.27
C ARG A 48 -18.23 10.18 6.91
N MET A 49 -18.03 8.86 6.87
CA MET A 49 -17.60 8.13 5.65
C MET A 49 -18.63 7.04 5.33
N ALA A 50 -18.46 6.33 4.21
CA ALA A 50 -19.47 5.43 3.60
C ALA A 50 -20.19 4.59 4.68
N TYR A 51 -19.42 3.83 5.48
CA TYR A 51 -19.93 2.82 6.42
C TYR A 51 -19.34 3.06 7.82
N GLY A 52 -19.92 2.43 8.85
CA GLY A 52 -19.53 2.58 10.27
C GLY A 52 -20.42 3.54 11.06
N GLU A 53 -20.46 3.38 12.39
CA GLU A 53 -21.28 4.21 13.32
C GLU A 53 -20.45 5.43 13.73
N GLY A 54 -21.11 6.55 13.95
CA GLY A 54 -20.50 7.77 14.51
C GLY A 54 -19.87 8.61 13.42
N GLU A 55 -19.00 9.51 13.85
CA GLU A 55 -18.18 10.35 12.95
C GLU A 55 -16.73 10.33 13.47
N ALA A 56 -15.84 11.08 12.83
CA ALA A 56 -14.40 11.01 13.06
C ALA A 56 -13.74 12.30 12.58
N TRP A 57 -12.63 12.66 13.22
CA TRP A 57 -11.70 13.73 12.81
C TRP A 57 -10.95 13.32 11.54
N LEU A 58 -10.47 14.31 10.77
CA LEU A 58 -9.55 14.08 9.64
C LEU A 58 -8.45 15.14 9.64
N VAL A 59 -7.24 14.71 9.99
CA VAL A 59 -6.00 15.54 10.06
C VAL A 59 -5.28 15.39 8.72
N THR A 60 -4.89 16.49 8.09
CA THR A 60 -4.44 16.53 6.67
C THR A 60 -3.06 17.17 6.53
N ARG A 61 -2.57 17.86 7.57
CA ARG A 61 -1.28 18.57 7.47
C ARG A 61 -0.14 17.60 7.78
N TYR A 62 1.01 17.74 7.12
CA TYR A 62 2.19 16.86 7.32
C TYR A 62 2.45 16.75 8.82
N GLU A 63 2.87 17.86 9.43
CA GLU A 63 3.37 17.92 10.84
C GLU A 63 2.27 17.42 11.76
N ASP A 64 1.03 17.86 11.59
CA ASP A 64 -0.12 17.42 12.43
C ASP A 64 -0.26 15.90 12.31
N VAL A 65 -0.09 15.33 11.11
CA VAL A 65 -0.35 13.87 10.84
C VAL A 65 0.83 13.08 11.37
N ARG A 66 2.04 13.55 11.11
CA ARG A 66 3.25 13.04 11.77
C ARG A 66 2.91 12.87 13.25
N THR A 67 2.38 13.93 13.91
CA THR A 67 2.01 13.89 15.35
C THR A 67 1.15 12.65 15.61
N VAL A 68 0.08 12.49 14.83
CA VAL A 68 -0.99 11.53 15.16
C VAL A 68 -0.41 10.11 15.08
N THR A 69 0.49 9.85 14.14
CA THR A 69 0.98 8.49 13.84
C THR A 69 1.97 8.02 14.91
N THR A 70 2.65 8.95 15.57
CA THR A 70 3.80 8.67 16.47
C THR A 70 3.42 8.80 17.96
N ASP A 71 2.62 9.84 18.30
CA ASP A 71 2.32 10.28 19.68
C ASP A 71 1.47 9.20 20.37
N ARG A 72 1.97 8.61 21.46
CA ARG A 72 1.35 7.41 22.11
C ARG A 72 -0.06 7.75 22.59
N ARG A 73 -0.43 9.04 22.57
CA ARG A 73 -1.78 9.52 22.96
C ARG A 73 -2.83 8.98 21.98
N PHE A 74 -2.44 8.68 20.74
CA PHE A 74 -3.36 8.10 19.72
C PHE A 74 -3.06 6.60 19.59
N SER A 75 -3.99 5.73 19.97
CA SER A 75 -3.87 4.25 19.87
C SER A 75 -4.64 3.72 18.67
N ARG A 76 -4.10 2.67 18.04
CA ARG A 76 -4.79 1.85 17.01
C ARG A 76 -5.25 0.52 17.62
N SER A 77 -4.67 0.16 18.76
CA SER A 77 -5.11 -0.92 19.68
C SER A 77 -6.54 -0.66 20.17
N ALA A 78 -6.86 0.60 20.45
CA ALA A 78 -8.16 1.10 20.95
C ALA A 78 -9.27 0.93 19.93
N VAL A 79 -8.93 0.64 18.68
CA VAL A 79 -9.92 0.55 17.56
C VAL A 79 -10.62 -0.82 17.63
N LEU A 80 -9.98 -1.84 18.21
CA LEU A 80 -10.61 -3.18 18.39
C LEU A 80 -12.02 -2.97 18.93
N GLY A 81 -13.05 -3.38 18.19
CA GLY A 81 -14.44 -3.41 18.68
C GLY A 81 -15.30 -2.26 18.17
N ARG A 82 -14.72 -1.16 17.68
CA ARG A 82 -15.49 0.04 17.25
C ARG A 82 -16.06 -0.18 15.86
N ASP A 83 -17.20 0.43 15.49
CA ASP A 83 -17.72 0.43 14.09
C ASP A 83 -17.12 1.63 13.35
N PHE A 84 -15.79 1.76 13.42
CA PHE A 84 -14.99 2.95 12.98
C PHE A 84 -15.35 3.37 11.55
N PRO A 85 -15.66 4.67 11.33
CA PRO A 85 -15.87 5.21 9.98
C PRO A 85 -14.74 4.82 9.02
N ARG A 86 -15.04 3.88 8.13
CA ARG A 86 -14.12 3.25 7.16
C ARG A 86 -14.79 3.28 5.79
N MET A 87 -14.14 2.74 4.75
CA MET A 87 -14.56 2.86 3.32
C MET A 87 -14.97 1.50 2.75
N THR A 88 -14.90 0.43 3.53
CA THR A 88 -15.38 -0.91 3.13
C THR A 88 -16.45 -1.37 4.11
N PRO A 89 -17.56 -1.94 3.61
CA PRO A 89 -18.70 -2.28 4.46
C PRO A 89 -18.17 -3.13 5.60
N GLU A 90 -17.51 -4.24 5.26
CA GLU A 90 -16.71 -5.07 6.21
C GLU A 90 -15.34 -4.43 6.35
N PRO A 91 -14.82 -4.24 7.59
CA PRO A 91 -13.44 -3.80 7.82
C PRO A 91 -12.42 -4.83 7.31
N ILE A 92 -11.37 -4.32 6.67
CA ILE A 92 -10.30 -5.15 6.05
C ILE A 92 -9.50 -5.80 7.19
N VAL A 93 -9.37 -5.10 8.34
CA VAL A 93 -8.57 -5.53 9.55
C VAL A 93 -9.16 -6.83 10.09
N GLN A 94 -8.42 -7.41 11.04
CA GLN A 94 -8.83 -8.55 11.91
C GLN A 94 -8.40 -8.24 13.34
N ALA A 95 -8.71 -9.12 14.29
CA ALA A 95 -8.36 -8.95 15.72
C ALA A 95 -6.85 -9.04 15.94
N GLU A 96 -6.29 -10.23 15.66
CA GLU A 96 -4.91 -10.67 16.04
C GLU A 96 -3.84 -10.12 15.08
N SER A 97 -4.24 -9.19 14.20
CA SER A 97 -3.38 -8.57 13.17
C SER A 97 -2.50 -7.48 13.79
N ILE A 98 -1.29 -7.33 13.25
CA ILE A 98 -0.28 -6.29 13.60
C ILE A 98 -0.90 -4.89 13.51
N ASN A 99 -1.98 -4.76 12.74
CA ASN A 99 -2.61 -3.46 12.37
C ASN A 99 -3.35 -2.87 13.58
N LEU A 100 -3.79 -3.73 14.50
CA LEU A 100 -4.54 -3.32 15.70
C LEU A 100 -3.68 -3.62 16.94
N MET A 101 -2.37 -3.47 16.83
CA MET A 101 -1.48 -3.44 18.02
C MET A 101 -0.60 -2.21 17.88
N ASP A 102 -0.18 -1.64 19.01
CA ASP A 102 0.85 -0.58 19.03
C ASP A 102 2.10 -1.12 19.70
N PRO A 103 3.24 -0.44 19.52
CA PRO A 103 4.43 -0.72 20.31
C PRO A 103 3.97 -0.59 21.75
N PRO A 104 4.29 -1.51 22.70
CA PRO A 104 5.29 -2.58 22.53
C PRO A 104 4.97 -3.93 21.83
N ALA A 105 3.71 -4.37 21.85
CA ALA A 105 3.26 -5.72 21.44
C ALA A 105 3.41 -5.88 19.92
N SER A 106 3.14 -4.81 19.17
CA SER A 106 3.54 -4.69 17.74
C SER A 106 5.05 -4.99 17.64
N SER A 107 5.90 -4.19 18.30
CA SER A 107 7.37 -4.12 18.05
C SER A 107 8.01 -5.51 18.04
N ARG A 108 7.37 -6.51 18.65
CA ARG A 108 7.92 -7.89 18.74
C ARG A 108 7.74 -8.70 17.46
N LEU A 109 6.64 -8.44 16.74
CA LEU A 109 6.17 -9.20 15.55
C LEU A 109 6.59 -8.45 14.29
N ARG A 110 6.44 -7.12 14.28
CA ARG A 110 7.16 -6.25 13.33
C ARG A 110 8.62 -6.68 13.37
N GLY A 111 9.20 -6.67 14.57
CA GLY A 111 10.63 -6.96 14.79
C GLY A 111 11.09 -8.19 14.03
N LEU A 112 10.18 -9.16 13.89
CA LEU A 112 10.51 -10.53 13.46
C LEU A 112 10.54 -10.58 11.94
N VAL A 113 9.60 -9.96 11.24
CA VAL A 113 9.57 -9.90 9.75
C VAL A 113 10.59 -8.84 9.29
N ALA A 114 10.97 -7.90 10.16
CA ALA A 114 11.88 -6.81 9.80
C ALA A 114 13.28 -7.38 9.58
N LYS A 115 13.61 -8.44 10.31
CA LYS A 115 14.81 -9.27 10.06
C LYS A 115 14.86 -9.67 8.59
N SER A 116 13.71 -10.06 8.02
CA SER A 116 13.59 -10.72 6.69
C SER A 116 13.88 -9.74 5.55
N PHE A 117 14.01 -8.43 5.84
CA PHE A 117 14.11 -7.34 4.83
C PHE A 117 15.22 -6.34 5.19
N THR A 118 16.22 -6.75 5.97
CA THR A 118 17.47 -5.98 6.16
C THR A 118 18.08 -5.81 4.77
N PRO A 119 18.79 -4.69 4.48
CA PRO A 119 19.27 -4.44 3.13
C PRO A 119 20.12 -5.64 2.63
N ARG A 120 20.87 -6.32 3.51
CA ARG A 120 21.64 -7.54 3.11
C ARG A 120 20.65 -8.51 2.44
N ARG A 121 19.60 -8.91 3.19
CA ARG A 121 18.55 -9.88 2.77
C ARG A 121 17.87 -9.41 1.46
N VAL A 122 17.30 -8.21 1.44
CA VAL A 122 16.53 -7.68 0.27
C VAL A 122 17.50 -7.55 -0.91
N GLU A 123 18.75 -7.11 -0.68
CA GLU A 123 19.77 -6.93 -1.77
C GLU A 123 20.39 -8.28 -2.11
N GLN A 124 19.94 -9.35 -1.46
CA GLN A 124 20.12 -10.75 -1.92
C GLN A 124 18.95 -11.01 -2.87
N MET A 125 17.73 -11.08 -2.36
CA MET A 125 16.50 -11.44 -3.14
C MET A 125 16.52 -10.74 -4.51
N ARG A 126 17.21 -9.59 -4.64
CA ARG A 126 17.30 -8.83 -5.92
C ARG A 126 17.52 -9.85 -7.06
N GLY A 127 18.57 -10.65 -6.91
CA GLY A 127 18.96 -11.74 -7.84
C GLY A 127 17.73 -12.31 -8.52
N GLY A 128 16.82 -12.87 -7.72
CA GLY A 128 15.61 -13.57 -8.19
C GLY A 128 14.59 -12.65 -8.84
N THR A 129 14.28 -11.53 -8.20
CA THR A 129 13.44 -10.44 -8.74
C THR A 129 13.94 -9.97 -10.12
N GLN A 130 15.25 -9.86 -10.31
CA GLN A 130 15.80 -9.50 -11.63
C GLN A 130 15.41 -10.63 -12.62
N ARG A 131 15.47 -11.91 -12.22
CA ARG A 131 15.21 -13.07 -13.12
C ARG A 131 13.70 -13.18 -13.42
N VAL A 132 12.83 -12.89 -12.45
CA VAL A 132 11.35 -12.79 -12.63
C VAL A 132 11.04 -11.71 -13.67
N VAL A 133 11.37 -10.46 -13.35
CA VAL A 133 11.20 -9.29 -14.24
C VAL A 133 11.64 -9.64 -15.67
N ASP A 134 12.91 -10.05 -15.85
CA ASP A 134 13.50 -10.38 -17.17
C ASP A 134 12.56 -11.33 -17.93
N ARG A 135 12.21 -12.45 -17.30
CA ARG A 135 11.31 -13.50 -17.86
C ARG A 135 9.94 -12.86 -18.21
N LEU A 136 9.34 -12.07 -17.30
CA LEU A 136 8.02 -11.41 -17.56
C LEU A 136 8.06 -10.53 -18.80
N LEU A 137 9.21 -9.90 -19.09
CA LEU A 137 9.45 -9.02 -20.28
C LEU A 137 9.93 -9.86 -21.47
N ASP A 138 10.68 -10.93 -21.20
CA ASP A 138 11.05 -11.98 -22.19
C ASP A 138 9.78 -12.66 -22.70
N GLU A 139 8.65 -12.55 -21.99
CA GLU A 139 7.34 -13.13 -22.41
C GLU A 139 6.50 -12.09 -23.15
N MET A 140 6.41 -10.88 -22.60
CA MET A 140 5.65 -9.76 -23.20
C MET A 140 6.20 -9.41 -24.58
N GLU A 141 7.52 -9.44 -24.74
CA GLU A 141 8.15 -9.22 -26.08
C GLU A 141 7.72 -10.35 -27.01
N GLU A 142 7.69 -11.60 -26.51
CA GLU A 142 7.39 -12.79 -27.34
C GLU A 142 5.95 -12.69 -27.87
N GLU A 143 4.98 -12.27 -27.05
CA GLU A 143 3.57 -12.18 -27.52
C GLU A 143 3.40 -10.95 -28.44
N GLY A 144 4.36 -10.00 -28.44
CA GLY A 144 4.46 -8.93 -29.45
C GLY A 144 3.57 -7.73 -29.18
N SER A 145 4.03 -6.53 -29.60
CA SER A 145 3.39 -5.20 -29.41
C SER A 145 2.08 -5.11 -30.20
N PRO A 146 1.02 -4.37 -29.75
CA PRO A 146 0.90 -3.86 -28.38
C PRO A 146 0.59 -4.97 -27.35
N ALA A 147 0.55 -4.60 -26.07
CA ALA A 147 0.25 -5.51 -24.94
C ALA A 147 -0.25 -4.67 -23.75
N ASP A 148 -0.80 -5.36 -22.76
CA ASP A 148 -1.29 -4.77 -21.49
C ASP A 148 -0.14 -4.83 -20.50
N PHE A 149 0.42 -3.67 -20.13
CA PHE A 149 1.53 -3.59 -19.15
C PHE A 149 1.03 -4.06 -17.79
N VAL A 150 -0.27 -3.93 -17.53
CA VAL A 150 -0.93 -4.40 -16.27
C VAL A 150 -0.84 -5.94 -16.20
N ALA A 151 -1.32 -6.63 -17.25
CA ALA A 151 -1.35 -8.11 -17.37
C ALA A 151 0.06 -8.71 -17.44
N ARG A 152 0.97 -8.10 -18.21
CA ARG A 152 2.25 -8.74 -18.59
C ARG A 152 3.36 -8.32 -17.62
N VAL A 153 3.11 -7.32 -16.75
CA VAL A 153 4.12 -6.78 -15.78
C VAL A 153 3.49 -6.40 -14.41
N SER A 154 2.73 -5.29 -14.33
CA SER A 154 2.39 -4.60 -13.05
C SER A 154 1.63 -5.54 -12.11
N ALA A 155 0.69 -6.33 -12.61
CA ALA A 155 -0.12 -7.29 -11.83
C ALA A 155 0.71 -8.51 -11.42
N PRO A 156 1.32 -9.30 -12.35
CA PRO A 156 2.00 -10.55 -11.97
C PRO A 156 3.19 -10.40 -11.00
N LEU A 157 4.09 -9.45 -11.26
CA LEU A 157 5.41 -9.35 -10.57
C LEU A 157 5.21 -9.30 -9.06
N PRO A 158 4.43 -8.34 -8.50
CA PRO A 158 4.25 -8.26 -7.06
C PRO A 158 3.70 -9.54 -6.42
N LEU A 159 2.85 -10.26 -7.17
CA LEU A 159 2.17 -11.51 -6.72
C LEU A 159 3.16 -12.67 -6.74
N ILE A 160 3.86 -12.85 -7.84
CA ILE A 160 4.99 -13.82 -7.96
C ILE A 160 5.88 -13.62 -6.74
N THR A 161 6.44 -12.42 -6.59
CA THR A 161 7.45 -12.10 -5.55
C THR A 161 6.90 -12.49 -4.17
N ILE A 162 5.72 -12.02 -3.78
CA ILE A 162 5.22 -12.30 -2.39
C ILE A 162 4.92 -13.80 -2.24
N CYS A 163 4.59 -14.50 -3.33
CA CYS A 163 4.27 -15.95 -3.29
C CYS A 163 5.60 -16.73 -3.18
N GLU A 164 6.52 -16.50 -4.13
CA GLU A 164 7.94 -16.95 -4.04
C GLU A 164 8.36 -16.77 -2.58
N ALA A 165 8.17 -15.58 -2.04
CA ALA A 165 8.64 -15.22 -0.69
C ALA A 165 8.03 -16.18 0.34
N LEU A 166 6.73 -16.44 0.22
CA LEU A 166 5.94 -17.18 1.24
C LEU A 166 5.85 -18.66 0.89
N ASP A 167 6.38 -19.09 -0.28
CA ASP A 167 6.29 -20.46 -0.86
C ASP A 167 4.81 -20.85 -0.98
N ILE A 168 4.07 -20.04 -1.72
CA ILE A 168 2.63 -20.24 -1.99
C ILE A 168 2.53 -21.07 -3.25
N PRO A 169 1.87 -22.25 -3.19
CA PRO A 169 1.71 -23.10 -4.36
C PRO A 169 1.09 -22.33 -5.54
N GLU A 170 1.46 -22.71 -6.76
CA GLU A 170 1.21 -21.91 -8.00
C GLU A 170 -0.31 -21.88 -8.25
N ALA A 171 -1.01 -22.92 -7.79
CA ALA A 171 -2.43 -23.17 -8.11
C ALA A 171 -3.34 -22.30 -7.24
N ASP A 172 -2.89 -21.95 -6.04
CA ASP A 172 -3.68 -21.19 -5.03
C ASP A 172 -3.59 -19.71 -5.34
N ARG A 173 -2.60 -19.27 -6.09
CA ARG A 173 -2.20 -17.83 -6.14
C ARG A 173 -3.32 -16.99 -6.76
N PRO A 174 -3.84 -17.35 -7.97
CA PRO A 174 -4.85 -16.53 -8.65
C PRO A 174 -6.13 -16.39 -7.79
N TRP A 175 -6.49 -17.50 -7.16
CA TRP A 175 -7.51 -17.64 -6.08
C TRP A 175 -7.27 -16.59 -4.97
N LEU A 176 -6.06 -16.50 -4.42
CA LEU A 176 -5.73 -15.82 -3.13
C LEU A 176 -5.84 -14.30 -3.28
N ARG A 177 -5.54 -13.80 -4.49
CA ARG A 177 -5.57 -12.35 -4.84
C ARG A 177 -7.02 -11.93 -5.13
N ALA A 178 -7.74 -12.79 -5.84
CA ALA A 178 -9.18 -12.62 -6.11
C ALA A 178 -10.00 -12.70 -4.82
N HIS A 179 -9.38 -13.01 -3.68
CA HIS A 179 -10.01 -12.89 -2.33
C HIS A 179 -9.45 -11.64 -1.64
N ALA A 180 -8.14 -11.43 -1.74
CA ALA A 180 -7.44 -10.23 -1.21
C ALA A 180 -8.21 -9.01 -1.70
N MET A 181 -8.32 -8.90 -3.02
CA MET A 181 -9.01 -7.77 -3.68
C MET A 181 -10.45 -7.70 -3.16
N THR A 182 -11.23 -8.79 -3.17
CA THR A 182 -12.68 -8.77 -2.79
C THR A 182 -12.85 -8.02 -1.47
N MET A 183 -11.90 -8.14 -0.53
CA MET A 183 -11.92 -7.46 0.80
C MET A 183 -11.74 -5.95 0.64
N MET A 184 -11.16 -5.49 -0.48
CA MET A 184 -10.89 -4.06 -0.79
C MET A 184 -12.05 -3.43 -1.57
N ASN A 185 -13.20 -4.09 -1.65
CA ASN A 185 -14.39 -3.52 -2.38
C ASN A 185 -15.10 -2.54 -1.44
N VAL A 186 -15.48 -1.39 -1.98
CA VAL A 186 -16.20 -0.29 -1.25
C VAL A 186 -17.71 -0.50 -1.48
N GLY A 187 -18.08 -1.67 -2.04
CA GLY A 187 -19.44 -2.00 -2.50
C GLY A 187 -20.35 -2.45 -1.37
N ALA A 188 -21.46 -1.73 -1.15
CA ALA A 188 -22.44 -1.98 -0.08
C ALA A 188 -22.75 -3.47 0.06
N ALA A 189 -23.02 -4.17 -1.05
CA ALA A 189 -23.57 -5.55 -1.07
C ALA A 189 -22.48 -6.62 -1.19
N GLY A 190 -21.26 -6.26 -1.63
CA GLY A 190 -20.07 -7.12 -1.58
C GLY A 190 -19.46 -7.14 -0.19
N LYS A 191 -20.29 -7.41 0.84
CA LYS A 191 -19.93 -7.42 2.29
C LYS A 191 -19.99 -8.86 2.80
N GLN A 192 -21.05 -9.60 2.49
CA GLN A 192 -21.11 -11.07 2.67
C GLN A 192 -19.93 -11.67 1.91
N ASP A 193 -19.79 -11.31 0.64
CA ASP A 193 -18.60 -11.67 -0.18
C ASP A 193 -17.36 -11.49 0.69
N ALA A 194 -17.14 -10.28 1.19
CA ALA A 194 -15.92 -9.90 1.93
C ALA A 194 -15.74 -10.83 3.15
N VAL A 195 -16.75 -10.93 4.04
CA VAL A 195 -16.64 -11.66 5.34
C VAL A 195 -16.33 -13.14 5.05
N ARG A 196 -16.97 -13.75 4.04
CA ARG A 196 -16.70 -15.17 3.64
C ARG A 196 -15.27 -15.20 3.07
N ALA A 197 -15.00 -14.37 2.05
CA ALA A 197 -13.73 -14.30 1.33
C ALA A 197 -12.58 -14.21 2.33
N LYS A 198 -12.77 -13.40 3.38
CA LYS A 198 -11.77 -13.10 4.43
C LYS A 198 -11.53 -14.38 5.23
N ALA A 199 -12.62 -15.02 5.67
CA ALA A 199 -12.58 -16.17 6.59
C ALA A 199 -11.97 -17.38 5.87
N GLU A 200 -12.30 -17.58 4.58
CA GLU A 200 -11.69 -18.62 3.71
C GLU A 200 -10.17 -18.38 3.64
N LEU A 201 -9.74 -17.11 3.54
CA LEU A 201 -8.32 -16.68 3.50
C LEU A 201 -7.64 -17.07 4.82
N ARG A 202 -8.20 -16.57 5.93
CA ARG A 202 -7.76 -16.92 7.30
C ARG A 202 -7.57 -18.42 7.36
N GLY A 203 -8.58 -19.16 6.99
CA GLY A 203 -8.53 -20.64 7.09
C GLY A 203 -7.34 -21.21 6.33
N TYR A 204 -7.14 -20.79 5.08
CA TYR A 204 -6.15 -21.42 4.18
C TYR A 204 -4.74 -21.36 4.80
N PHE A 205 -4.43 -20.21 5.41
CA PHE A 205 -3.16 -19.97 6.13
C PHE A 205 -3.17 -20.70 7.48
N GLN A 206 -4.31 -20.67 8.19
CA GLN A 206 -4.53 -21.32 9.51
C GLN A 206 -3.84 -22.68 9.45
N GLU A 207 -4.00 -23.30 8.27
CA GLU A 207 -3.56 -24.67 7.90
C GLU A 207 -2.14 -24.61 7.36
N LEU A 208 -1.95 -23.97 6.20
CA LEU A 208 -0.67 -23.97 5.44
C LEU A 208 0.50 -23.49 6.32
N THR A 209 0.23 -22.61 7.29
CA THR A 209 1.22 -22.10 8.29
C THR A 209 1.48 -23.21 9.32
N ALA A 210 0.41 -23.78 9.86
CA ALA A 210 0.45 -24.96 10.75
C ALA A 210 1.07 -26.16 10.01
N ASP A 211 1.31 -26.06 8.70
CA ASP A 211 1.98 -27.09 7.87
C ASP A 211 3.46 -26.77 7.77
N ARG A 212 3.86 -25.53 8.05
CA ARG A 212 5.29 -25.14 8.15
C ARG A 212 5.74 -25.43 9.58
N ARG A 213 5.28 -24.66 10.56
CA ARG A 213 5.49 -24.99 12.01
C ARG A 213 5.81 -26.49 12.08
N ARG A 214 5.00 -27.33 11.39
CA ARG A 214 5.02 -28.84 11.45
C ARG A 214 6.22 -29.41 10.70
N SER A 215 6.39 -29.11 9.43
CA SER A 215 7.60 -29.53 8.68
C SER A 215 8.26 -28.30 8.06
N PRO A 216 8.88 -27.45 8.90
CA PRO A 216 9.41 -26.17 8.45
C PRO A 216 10.13 -26.35 7.12
N GLY A 217 9.65 -25.70 6.08
CA GLY A 217 10.44 -25.46 4.85
C GLY A 217 11.63 -24.55 5.15
N GLU A 218 12.12 -23.80 4.15
CA GLU A 218 13.22 -22.80 4.30
C GLU A 218 12.83 -21.54 3.54
N ASP A 219 11.54 -21.19 3.58
CA ASP A 219 10.89 -19.99 2.97
C ASP A 219 10.72 -18.93 4.06
N LEU A 220 9.68 -18.07 4.04
CA LEU A 220 9.55 -16.91 4.98
C LEU A 220 8.53 -17.21 6.09
N ILE A 221 7.43 -17.87 5.72
CA ILE A 221 6.41 -18.38 6.68
C ILE A 221 7.14 -19.29 7.67
N SER A 222 8.06 -20.10 7.14
CA SER A 222 8.97 -20.97 7.93
C SER A 222 9.82 -20.11 8.88
N THR A 223 10.42 -19.03 8.39
CA THR A 223 11.18 -18.11 9.24
C THR A 223 10.29 -17.62 10.39
N LEU A 224 9.06 -17.21 10.12
CA LEU A 224 8.13 -16.75 11.19
C LEU A 224 7.79 -17.93 12.12
N ALA A 225 7.38 -19.06 11.53
CA ALA A 225 6.79 -20.22 12.24
C ALA A 225 7.82 -20.96 13.10
N THR A 226 9.11 -20.85 12.77
CA THR A 226 10.22 -21.58 13.43
C THR A 226 10.94 -20.71 14.47
N ALA A 227 11.06 -19.41 14.26
CA ALA A 227 11.70 -18.51 15.26
C ALA A 227 11.14 -18.88 16.63
N ARG A 228 12.03 -19.02 17.62
CA ARG A 228 11.75 -19.49 19.01
C ARG A 228 12.70 -18.76 19.98
N ASP A 229 12.17 -18.03 20.97
CA ASP A 229 12.95 -17.36 22.06
C ASP A 229 12.84 -18.21 23.33
N GLY A 230 13.30 -19.46 23.32
CA GLY A 230 12.83 -20.47 24.26
C GLY A 230 11.61 -21.20 23.71
N ASP A 231 10.39 -20.64 23.84
CA ASP A 231 9.11 -21.17 23.26
C ASP A 231 8.65 -20.25 22.10
N GLU A 232 8.63 -20.75 20.85
CA GLU A 232 8.18 -20.05 19.59
C GLU A 232 7.58 -18.68 19.96
N LEU A 233 8.02 -17.57 19.35
CA LEU A 233 7.51 -16.23 19.80
C LEU A 233 6.07 -16.12 19.34
N LEU A 234 5.74 -16.75 18.21
CA LEU A 234 4.42 -16.57 17.54
C LEU A 234 3.47 -17.71 17.90
N ASP A 235 2.30 -17.38 18.46
CA ASP A 235 1.15 -18.31 18.64
C ASP A 235 0.62 -18.67 17.24
N ASP A 236 -0.19 -19.72 17.09
CA ASP A 236 -0.66 -20.18 15.75
C ASP A 236 -1.56 -19.10 15.09
N ASP A 237 -2.59 -18.62 15.77
CA ASP A 237 -3.39 -17.47 15.28
C ASP A 237 -2.44 -16.33 14.88
N GLU A 238 -1.46 -15.98 15.75
CA GLU A 238 -0.60 -14.78 15.60
C GLU A 238 0.16 -14.90 14.26
N LEU A 239 0.48 -16.16 13.90
CA LEU A 239 1.29 -16.58 12.71
C LEU A 239 0.42 -16.62 11.44
N ALA A 240 -0.57 -17.51 11.41
CA ALA A 240 -1.56 -17.62 10.30
C ALA A 240 -2.01 -16.23 9.85
N VAL A 241 -2.31 -15.34 10.80
CA VAL A 241 -2.78 -13.95 10.54
C VAL A 241 -1.66 -13.12 9.90
N MET A 242 -0.42 -13.34 10.37
CA MET A 242 0.78 -12.63 9.88
C MET A 242 1.16 -13.14 8.49
N ALA A 243 1.00 -14.44 8.22
CA ALA A 243 1.23 -15.04 6.89
C ALA A 243 0.11 -14.62 5.93
N MET A 244 -1.10 -14.41 6.46
CA MET A 244 -2.27 -13.99 5.67
C MET A 244 -2.12 -12.51 5.32
N VAL A 245 -1.70 -11.71 6.31
CA VAL A 245 -1.53 -10.23 6.18
C VAL A 245 -0.37 -9.93 5.22
N LEU A 246 0.71 -10.72 5.27
CA LEU A 246 1.89 -10.49 4.40
C LEU A 246 1.47 -10.76 2.96
N LEU A 247 0.61 -11.76 2.71
CA LEU A 247 0.16 -12.07 1.33
C LEU A 247 -0.71 -10.93 0.78
N ILE A 248 -1.75 -10.55 1.50
CA ILE A 248 -2.63 -9.46 1.00
C ILE A 248 -1.73 -8.28 0.60
N THR A 249 -0.92 -7.75 1.53
CA THR A 249 -0.26 -6.43 1.34
C THR A 249 0.82 -6.52 0.26
N GLY A 250 1.40 -7.71 0.15
CA GLY A 250 2.49 -7.96 -0.81
C GLY A 250 2.03 -7.97 -2.25
N GLN A 251 0.74 -7.73 -2.52
CA GLN A 251 0.24 -7.91 -3.91
C GLN A 251 -0.88 -6.93 -4.26
N ASP A 252 -1.16 -5.88 -3.48
CA ASP A 252 -2.09 -4.82 -3.96
C ASP A 252 -1.27 -3.56 -4.24
N THR A 253 -0.90 -2.83 -3.20
CA THR A 253 -0.25 -1.49 -3.31
C THR A 253 0.83 -1.52 -4.39
N THR A 254 1.69 -2.54 -4.38
CA THR A 254 2.86 -2.68 -5.28
C THR A 254 2.42 -2.84 -6.74
N THR A 255 1.46 -3.74 -7.03
CA THR A 255 0.86 -3.97 -8.38
C THR A 255 0.26 -2.67 -8.93
N TYR A 256 -0.28 -1.86 -8.04
CA TYR A 256 -0.98 -0.59 -8.39
C TYR A 256 0.10 0.48 -8.68
N GLN A 257 1.06 0.66 -7.77
CA GLN A 257 2.12 1.70 -7.92
C GLN A 257 2.97 1.36 -9.15
N LEU A 258 3.01 0.11 -9.59
CA LEU A 258 3.71 -0.27 -10.85
C LEU A 258 2.92 0.23 -12.06
N GLY A 259 1.58 0.18 -12.05
CA GLY A 259 0.73 0.77 -13.09
C GLY A 259 0.73 2.30 -13.03
N ASN A 260 0.51 2.85 -11.83
CA ASN A 260 0.47 4.31 -11.59
C ASN A 260 1.77 4.96 -12.13
N ILE A 261 2.92 4.45 -11.72
CA ILE A 261 4.23 5.05 -12.11
C ILE A 261 4.36 4.99 -13.64
N ALA A 262 4.15 3.81 -14.22
CA ALA A 262 4.19 3.54 -15.68
C ALA A 262 3.40 4.62 -16.42
N TYR A 263 2.10 4.69 -16.09
CA TYR A 263 1.16 5.70 -16.66
C TYR A 263 1.84 7.07 -16.60
N THR A 264 2.23 7.51 -15.40
CA THR A 264 2.87 8.83 -15.13
C THR A 264 4.10 9.00 -16.04
N LEU A 265 4.92 7.98 -16.25
CA LEU A 265 6.17 8.16 -17.04
C LEU A 265 5.81 8.28 -18.51
N LEU A 266 4.87 7.46 -18.97
CA LEU A 266 4.43 7.47 -20.38
C LEU A 266 3.51 8.67 -20.67
N THR A 267 3.20 9.55 -19.71
CA THR A 267 2.33 10.73 -19.93
C THR A 267 3.02 12.03 -19.49
N ARG A 268 4.31 11.99 -19.19
CA ARG A 268 5.05 13.20 -18.76
C ARG A 268 6.37 13.21 -19.52
N PRO A 269 6.32 13.46 -20.85
CA PRO A 269 7.44 13.13 -21.71
C PRO A 269 8.73 13.76 -21.16
N ASP A 270 8.67 15.00 -20.64
CA ASP A 270 9.84 15.70 -20.03
C ASP A 270 10.49 14.76 -19.01
N LEU A 271 9.68 14.31 -18.04
CA LEU A 271 10.14 13.42 -16.94
C LEU A 271 10.79 12.20 -17.58
N LEU A 272 10.08 11.55 -18.50
CA LEU A 272 10.51 10.23 -19.04
C LEU A 272 11.80 10.37 -19.86
N ARG A 273 11.97 11.52 -20.53
CA ARG A 273 13.21 11.84 -21.31
C ARG A 273 14.36 12.01 -20.30
N SER A 274 14.18 12.90 -19.32
CA SER A 274 15.17 13.20 -18.25
C SER A 274 15.79 11.89 -17.74
N LEU A 275 14.95 10.89 -17.42
CA LEU A 275 15.39 9.54 -16.96
C LEU A 275 16.22 8.85 -18.05
N ARG A 276 15.75 8.89 -19.31
CA ARG A 276 16.41 8.25 -20.48
C ARG A 276 17.73 8.97 -20.79
N ALA A 277 17.82 10.27 -20.48
CA ALA A 277 19.05 11.11 -20.56
C ALA A 277 20.04 10.71 -19.46
N GLU A 278 19.58 10.50 -18.22
CA GLU A 278 20.44 10.12 -17.06
C GLU A 278 19.72 9.10 -16.20
N PRO A 279 19.83 7.78 -16.51
CA PRO A 279 19.11 6.74 -15.76
C PRO A 279 19.45 6.73 -14.27
N GLN A 280 20.61 7.30 -13.90
CA GLN A 280 21.13 7.36 -12.51
C GLN A 280 20.11 8.11 -11.61
N ARG A 281 19.21 8.87 -12.20
CA ARG A 281 18.20 9.69 -11.49
C ARG A 281 17.09 8.81 -10.89
N LEU A 282 17.01 7.52 -11.25
CA LEU A 282 15.80 6.66 -11.06
C LEU A 282 15.41 6.53 -9.58
N PRO A 283 16.34 6.20 -8.64
CA PRO A 283 15.94 6.00 -7.25
C PRO A 283 15.45 7.32 -6.65
N ARG A 284 15.94 8.45 -7.17
CA ARG A 284 15.51 9.81 -6.75
C ARG A 284 14.17 10.10 -7.41
N THR A 285 14.00 9.75 -8.68
CA THR A 285 12.74 9.99 -9.42
C THR A 285 11.60 9.22 -8.76
N LEU A 286 11.85 7.97 -8.39
CA LEU A 286 10.81 7.05 -7.86
C LEU A 286 10.26 7.64 -6.56
N GLU A 287 11.15 8.05 -5.64
CA GLU A 287 10.78 8.70 -4.35
C GLU A 287 9.75 9.81 -4.64
N GLU A 288 10.04 10.66 -5.64
CA GLU A 288 9.25 11.88 -5.98
C GLU A 288 7.89 11.51 -6.57
N LEU A 289 7.83 10.49 -7.43
CA LEU A 289 6.57 9.86 -7.94
C LEU A 289 5.80 9.28 -6.76
N LEU A 290 6.51 8.55 -5.89
CA LEU A 290 5.90 7.88 -4.70
C LEU A 290 5.18 8.95 -3.91
N ARG A 291 5.89 10.04 -3.59
CA ARG A 291 5.36 11.19 -2.85
C ARG A 291 4.06 11.61 -3.53
N HIS A 292 4.22 12.06 -4.77
CA HIS A 292 3.15 12.67 -5.61
C HIS A 292 1.97 11.68 -5.67
N ILE A 293 2.14 10.63 -6.48
CA ILE A 293 1.07 9.71 -6.96
C ILE A 293 0.13 9.39 -5.81
N PRO A 294 -1.16 9.80 -5.92
CA PRO A 294 -2.18 9.50 -4.91
C PRO A 294 -2.71 8.09 -5.16
N PHE A 295 -2.09 7.11 -4.50
CA PHE A 295 -2.14 5.67 -4.80
C PHE A 295 -3.30 5.01 -4.04
N ARG A 296 -4.25 5.82 -3.55
CA ARG A 296 -5.46 5.31 -2.85
C ARG A 296 -6.57 6.37 -2.86
N LYS A 297 -7.80 5.91 -2.66
CA LYS A 297 -8.97 6.77 -2.37
C LYS A 297 -9.10 6.86 -0.85
N GLY A 298 -9.50 8.04 -0.35
CA GLY A 298 -9.93 8.30 1.04
C GLY A 298 -8.83 8.05 2.06
N VAL A 299 -9.16 7.35 3.14
CA VAL A 299 -8.26 7.13 4.32
C VAL A 299 -8.52 5.72 4.86
N GLY A 300 -7.45 4.99 5.18
CA GLY A 300 -7.47 3.59 5.62
C GLY A 300 -7.91 3.44 7.08
N ILE A 301 -7.07 2.81 7.91
CA ILE A 301 -7.43 2.47 9.31
C ILE A 301 -7.17 3.71 10.17
N PRO A 302 -8.12 4.06 11.05
CA PRO A 302 -7.98 5.22 11.93
C PRO A 302 -7.20 4.86 13.18
N ARG A 303 -7.19 5.80 14.13
CA ARG A 303 -6.71 5.63 15.52
C ARG A 303 -7.74 6.30 16.44
N ILE A 304 -7.77 5.87 17.70
CA ILE A 304 -8.51 6.55 18.79
C ILE A 304 -7.53 7.43 19.56
N ALA A 305 -7.86 8.71 19.76
CA ALA A 305 -7.24 9.56 20.80
C ALA A 305 -7.57 8.93 22.16
N LEU A 306 -6.55 8.56 22.95
CA LEU A 306 -6.70 7.92 24.30
C LEU A 306 -7.08 8.99 25.34
N GLU A 307 -6.55 10.21 25.18
CA GLU A 307 -6.89 11.39 26.02
C GLU A 307 -7.12 12.60 25.11
N ASP A 308 -7.95 13.55 25.56
CA ASP A 308 -8.06 14.94 25.01
C ASP A 308 -6.68 15.31 24.45
N VAL A 309 -6.61 15.81 23.22
CA VAL A 309 -5.33 16.29 22.60
C VAL A 309 -5.67 17.39 21.61
N GLU A 310 -5.53 18.65 22.01
CA GLU A 310 -5.64 19.80 21.08
C GLU A 310 -4.56 19.57 20.02
N LEU A 311 -4.89 19.87 18.76
CA LEU A 311 -4.07 19.54 17.56
C LEU A 311 -4.45 20.51 16.43
N SER A 312 -3.65 21.56 16.20
CA SER A 312 -3.95 22.73 15.32
C SER A 312 -5.13 23.53 15.89
N GLY A 313 -5.15 23.81 17.19
CA GLY A 313 -6.20 24.61 17.87
C GLY A 313 -7.59 23.97 17.81
N VAL A 314 -7.69 22.65 18.00
CA VAL A 314 -8.97 21.90 17.99
C VAL A 314 -8.84 20.69 18.94
N LEU A 315 -9.32 20.84 20.18
CA LEU A 315 -9.48 19.74 21.17
C LEU A 315 -10.05 18.52 20.45
N ILE A 316 -9.50 17.34 20.69
CA ILE A 316 -10.08 16.03 20.28
C ILE A 316 -10.36 15.25 21.56
N LYS A 317 -11.63 15.13 21.95
CA LYS A 317 -12.03 14.43 23.20
C LYS A 317 -11.41 13.01 23.25
N ALA A 318 -11.15 12.50 24.46
CA ALA A 318 -10.72 11.11 24.77
C ALA A 318 -11.76 10.08 24.27
N GLY A 319 -11.39 9.26 23.29
CA GLY A 319 -12.24 8.18 22.75
C GLY A 319 -12.82 8.56 21.40
N ASP A 320 -12.46 9.73 20.86
CA ASP A 320 -12.78 10.14 19.47
C ASP A 320 -11.94 9.31 18.48
N VAL A 321 -12.48 9.11 17.28
CA VAL A 321 -11.85 8.42 16.11
C VAL A 321 -11.13 9.50 15.28
N VAL A 322 -9.83 9.31 15.08
CA VAL A 322 -8.98 10.19 14.24
C VAL A 322 -8.57 9.38 13.01
N HIS A 323 -8.83 9.96 11.84
CA HIS A 323 -8.16 9.58 10.58
C HIS A 323 -7.01 10.58 10.33
N VAL A 324 -6.00 10.13 9.58
CA VAL A 324 -4.93 10.96 8.94
C VAL A 324 -5.01 10.71 7.44
N SER A 325 -4.68 11.70 6.62
CA SER A 325 -4.54 11.53 5.15
C SER A 325 -3.07 11.67 4.76
N TYR A 326 -2.45 10.56 4.42
CA TYR A 326 -1.04 10.55 3.98
C TYR A 326 -0.93 11.31 2.67
N LEU A 327 -2.01 11.34 1.89
CA LEU A 327 -1.97 11.93 0.52
C LEU A 327 -1.90 13.46 0.62
N THR A 328 -2.61 14.07 1.57
CA THR A 328 -2.55 15.54 1.82
C THR A 328 -1.21 15.87 2.50
N ALA A 329 -0.70 15.00 3.35
CA ALA A 329 0.62 15.18 4.00
C ALA A 329 1.68 15.44 2.92
N ASN A 330 1.72 14.61 1.87
CA ASN A 330 2.74 14.67 0.80
C ASN A 330 2.62 16.01 0.06
N ARG A 331 1.39 16.51 -0.12
CA ARG A 331 1.14 17.75 -0.89
C ARG A 331 1.03 18.96 0.05
N ASP A 332 1.58 18.90 1.27
CA ASP A 332 1.57 20.07 2.20
C ASP A 332 2.71 20.99 1.79
N SER A 333 2.34 22.17 1.29
CA SER A 333 3.24 23.25 0.83
C SER A 333 4.09 23.79 2.00
N ALA A 334 3.69 23.51 3.24
CA ALA A 334 4.47 23.87 4.46
C ALA A 334 5.75 23.01 4.50
N LYS A 335 5.70 21.84 3.87
CA LYS A 335 6.82 20.86 3.91
C LYS A 335 7.52 20.82 2.55
N PHE A 336 6.78 20.72 1.46
CA PHE A 336 7.33 20.68 0.08
C PHE A 336 6.93 21.97 -0.65
N ASP A 337 7.90 22.77 -1.04
CA ASP A 337 7.68 23.94 -1.93
C ASP A 337 7.10 23.41 -3.24
N ARG A 338 6.21 24.18 -3.87
CA ARG A 338 5.51 23.82 -5.14
C ARG A 338 5.05 22.37 -5.03
N PRO A 339 4.27 22.00 -3.99
CA PRO A 339 4.05 20.60 -3.66
C PRO A 339 3.37 19.81 -4.79
N ASP A 340 2.46 20.45 -5.55
CA ASP A 340 1.68 19.80 -6.63
C ASP A 340 2.63 19.47 -7.80
N GLU A 341 3.70 20.27 -8.00
CA GLU A 341 4.71 20.03 -9.07
C GLU A 341 5.56 18.82 -8.70
N LEU A 342 6.10 18.13 -9.71
CA LEU A 342 6.71 16.80 -9.53
C LEU A 342 8.21 16.88 -9.81
N ASP A 343 8.99 17.49 -8.92
CA ASP A 343 10.42 17.81 -9.14
C ASP A 343 11.33 16.74 -8.51
N PRO A 344 11.90 15.80 -9.30
CA PRO A 344 12.74 14.75 -8.73
C PRO A 344 14.02 15.38 -8.17
N ASP A 345 14.28 16.64 -8.54
CA ASP A 345 15.47 17.42 -8.09
C ASP A 345 15.19 18.05 -6.73
N ARG A 346 13.93 18.17 -6.31
CA ARG A 346 13.55 19.02 -5.13
C ARG A 346 14.39 18.59 -3.91
N PRO A 347 14.57 19.49 -2.91
CA PRO A 347 15.29 19.14 -1.68
C PRO A 347 14.58 17.94 -1.02
N THR A 348 15.26 16.78 -0.93
CA THR A 348 14.64 15.50 -0.47
C THR A 348 14.13 15.74 0.95
N ILE A 349 12.86 15.43 1.18
CA ILE A 349 12.19 15.49 2.51
C ILE A 349 11.37 14.21 2.63
N PRO A 350 11.33 13.54 3.80
CA PRO A 350 10.66 12.24 3.89
C PRO A 350 9.20 12.36 3.41
N HIS A 351 8.81 11.53 2.44
CA HIS A 351 7.39 11.38 2.03
C HIS A 351 6.69 10.44 3.03
N MET A 352 5.36 10.43 3.01
CA MET A 352 4.52 9.61 3.91
C MET A 352 3.70 8.60 3.10
N THR A 353 4.12 8.31 1.86
CA THR A 353 3.48 7.31 0.96
C THR A 353 3.51 5.93 1.64
N PHE A 354 4.57 5.64 2.40
CA PHE A 354 4.85 4.32 3.03
C PHE A 354 4.35 4.33 4.46
N GLY A 355 3.53 5.32 4.81
CA GLY A 355 3.03 5.54 6.18
C GLY A 355 4.06 6.25 7.03
N TRP A 356 3.78 6.35 8.32
CA TRP A 356 4.65 7.02 9.32
C TRP A 356 4.38 6.40 10.70
N GLY A 357 5.32 6.52 11.61
CA GLY A 357 5.11 6.13 13.02
C GLY A 357 5.21 4.65 13.20
N ALA A 358 4.54 4.14 14.24
CA ALA A 358 4.56 2.73 14.64
C ALA A 358 4.25 1.83 13.44
N HIS A 359 3.26 2.20 12.62
CA HIS A 359 2.62 1.34 11.59
C HIS A 359 3.14 1.69 10.18
N HIS A 360 4.15 2.55 10.05
CA HIS A 360 4.99 2.69 8.83
C HIS A 360 5.01 1.34 8.08
N CYS A 361 5.03 1.37 6.74
CA CYS A 361 4.93 0.16 5.88
C CYS A 361 6.13 -0.77 6.08
N LEU A 362 5.81 -2.01 6.47
CA LEU A 362 6.75 -3.11 6.80
C LEU A 362 7.44 -3.65 5.54
N GLY A 363 6.91 -3.41 4.35
CA GLY A 363 7.43 -3.95 3.09
C GLY A 363 7.93 -2.85 2.16
N ALA A 364 7.98 -1.59 2.63
CA ALA A 364 8.71 -0.47 2.00
C ALA A 364 9.98 -0.99 1.32
N PRO A 365 10.93 -1.63 2.07
CA PRO A 365 12.16 -2.22 1.53
C PRO A 365 11.98 -3.03 0.24
N LEU A 366 11.01 -3.95 0.25
CA LEU A 366 10.79 -4.92 -0.85
C LEU A 366 10.09 -4.25 -2.05
N ALA A 367 9.08 -3.39 -1.84
CA ALA A 367 8.41 -2.62 -2.93
C ALA A 367 9.42 -1.63 -3.54
N THR A 368 10.27 -1.03 -2.71
CA THR A 368 11.40 -0.20 -3.19
C THR A 368 12.13 -1.04 -4.24
N MET A 369 12.60 -2.23 -3.82
CA MET A 369 13.43 -3.16 -4.63
C MET A 369 12.70 -3.59 -5.91
N GLU A 370 11.42 -3.99 -5.82
CA GLU A 370 10.58 -4.37 -6.99
C GLU A 370 10.52 -3.16 -7.95
N LEU A 371 10.15 -1.98 -7.44
CA LEU A 371 10.04 -0.76 -8.28
C LEU A 371 11.38 -0.41 -8.93
N GLU A 372 12.50 -0.64 -8.25
CA GLU A 372 13.84 -0.32 -8.81
C GLU A 372 14.15 -1.33 -9.91
N VAL A 373 14.09 -2.63 -9.61
CA VAL A 373 14.46 -3.73 -10.54
C VAL A 373 13.50 -3.74 -11.74
N ALA A 374 12.26 -3.28 -11.55
CA ALA A 374 11.25 -3.24 -12.63
C ALA A 374 11.68 -2.14 -13.58
N PHE A 375 11.48 -0.88 -13.18
CA PHE A 375 11.55 0.29 -14.09
C PHE A 375 12.97 0.45 -14.65
N SER A 376 14.01 0.03 -13.92
CA SER A 376 15.42 0.08 -14.39
C SER A 376 15.56 -0.91 -15.55
N THR A 377 14.98 -2.10 -15.47
CA THR A 377 14.99 -3.07 -16.60
C THR A 377 14.14 -2.46 -17.72
N LEU A 378 12.84 -2.30 -17.54
CA LEU A 378 11.95 -1.64 -18.54
C LEU A 378 12.75 -0.63 -19.35
N LEU A 379 13.26 0.41 -18.68
CA LEU A 379 13.92 1.59 -19.27
C LEU A 379 15.01 1.17 -20.24
N THR A 380 15.93 0.30 -19.81
CA THR A 380 17.02 -0.18 -20.69
C THR A 380 16.35 -1.00 -21.83
N ARG A 381 15.74 -2.15 -21.51
CA ARG A 381 15.14 -3.10 -22.49
C ARG A 381 14.29 -2.37 -23.54
N PHE A 382 13.35 -1.53 -23.12
CA PHE A 382 12.38 -0.89 -24.04
C PHE A 382 12.53 0.63 -23.93
N PRO A 383 13.53 1.23 -24.60
CA PRO A 383 13.70 2.67 -24.53
C PRO A 383 12.52 3.30 -25.28
N ALA A 384 12.05 2.62 -26.33
CA ALA A 384 11.02 3.12 -27.27
C ALA A 384 9.63 3.05 -26.64
N LEU A 385 9.50 2.57 -25.40
CA LEU A 385 8.17 2.22 -24.82
C LEU A 385 7.27 3.46 -24.75
N ARG A 386 6.06 3.33 -25.30
CA ARG A 386 5.05 4.41 -25.39
C ARG A 386 3.67 3.84 -25.07
N LEU A 387 2.82 4.62 -24.38
CA LEU A 387 1.37 4.33 -24.25
C LEU A 387 0.80 4.23 -25.67
N ASP A 388 -0.02 3.20 -25.95
CA ASP A 388 -0.51 2.84 -27.31
C ASP A 388 -1.87 3.51 -27.58
N VAL A 389 -2.43 4.23 -26.60
CA VAL A 389 -3.73 4.94 -26.75
C VAL A 389 -3.63 6.28 -26.04
N PRO A 390 -4.55 7.23 -26.31
CA PRO A 390 -4.59 8.50 -25.59
C PRO A 390 -4.76 8.34 -24.08
N PRO A 391 -4.24 9.25 -23.24
CA PRO A 391 -4.33 9.12 -21.78
C PRO A 391 -5.75 9.07 -21.19
N GLU A 392 -6.69 9.82 -21.76
CA GLU A 392 -8.11 9.90 -21.28
C GLU A 392 -8.84 8.60 -21.65
N ASP A 393 -8.27 7.78 -22.53
CA ASP A 393 -8.84 6.45 -22.92
C ASP A 393 -8.51 5.40 -21.84
N VAL A 394 -7.56 5.67 -20.95
CA VAL A 394 -7.15 4.75 -19.85
C VAL A 394 -8.27 4.73 -18.80
N SER A 395 -8.73 3.55 -18.38
CA SER A 395 -9.88 3.41 -17.45
C SER A 395 -9.40 3.18 -16.02
N TRP A 396 -9.92 3.94 -15.07
CA TRP A 396 -9.39 4.01 -13.69
C TRP A 396 -10.36 3.32 -12.73
N ASN A 397 -9.82 2.50 -11.85
CA ASN A 397 -10.65 1.68 -10.94
C ASN A 397 -11.36 2.60 -9.98
N THR A 398 -12.60 2.21 -9.70
CA THR A 398 -13.69 2.96 -9.03
C THR A 398 -14.21 2.19 -7.81
N THR A 399 -13.95 0.90 -7.79
CA THR A 399 -14.60 -0.10 -6.93
C THR A 399 -13.71 -0.38 -5.72
N SER A 400 -12.48 0.16 -5.72
CA SER A 400 -11.40 -0.15 -4.74
C SER A 400 -11.13 1.02 -3.82
N ILE A 401 -10.66 0.74 -2.61
CA ILE A 401 -10.00 1.77 -1.74
C ILE A 401 -8.75 2.30 -2.44
N TRP A 402 -8.16 1.54 -3.37
CA TRP A 402 -6.96 1.94 -4.15
C TRP A 402 -7.40 2.65 -5.43
N ARG A 403 -6.48 3.39 -6.04
CA ARG A 403 -6.59 3.88 -7.43
C ARG A 403 -5.47 3.24 -8.22
N TYR A 404 -5.84 2.72 -9.40
CA TYR A 404 -4.94 2.09 -10.38
C TYR A 404 -5.60 2.07 -11.74
N PRO A 405 -4.81 1.88 -12.82
CA PRO A 405 -5.35 1.60 -14.15
C PRO A 405 -5.69 0.12 -14.37
N LEU A 406 -6.85 -0.12 -14.98
CA LEU A 406 -7.35 -1.48 -15.30
C LEU A 406 -6.51 -2.09 -16.43
N ALA A 407 -6.09 -1.28 -17.39
CA ALA A 407 -5.20 -1.72 -18.48
C ALA A 407 -4.38 -0.54 -18.98
N LEU A 408 -3.20 -0.84 -19.53
CA LEU A 408 -2.19 0.18 -19.89
C LEU A 408 -1.52 -0.28 -21.19
N PRO A 409 -2.20 -0.17 -22.35
CA PRO A 409 -1.67 -0.64 -23.64
C PRO A 409 -0.34 0.07 -23.97
N VAL A 410 0.67 -0.67 -24.36
CA VAL A 410 2.01 -0.08 -24.60
C VAL A 410 2.57 -0.63 -25.90
N THR A 411 3.46 0.16 -26.53
CA THR A 411 4.23 -0.25 -27.72
C THR A 411 5.73 -0.07 -27.42
N TRP A 412 6.57 -0.57 -28.33
CA TRP A 412 8.05 -0.51 -28.22
C TRP A 412 8.69 -0.94 -29.54
CHA HEM B . 1.19 -0.60 5.89
CHB HEM B . 1.89 1.57 1.65
CHC HEM B . 4.09 -2.31 -0.11
CHD HEM B . 3.21 -4.66 4.02
C1A HEM B . 1.22 0.34 4.88
C2A HEM B . 0.75 1.66 4.95
C3A HEM B . 0.97 2.22 3.76
C4A HEM B . 1.55 1.29 2.93
CMA HEM B . 0.62 3.64 3.37
CAA HEM B . 0.11 2.54 6.00
CBA HEM B . -0.08 1.96 7.40
CGA HEM B . -0.45 3.09 8.30
O1A HEM B . 0.24 4.13 8.37
O2A HEM B . -1.48 3.02 9.00
C1B HEM B . 2.55 0.67 0.84
C2B HEM B . 2.93 1.06 -0.44
C3B HEM B . 3.57 -0.01 -0.99
C4B HEM B . 3.54 -1.05 0.07
CMB HEM B . 2.68 2.42 -1.07
CAB HEM B . 4.22 -0.15 -2.32
CBB HEM B . 4.41 0.85 -3.21
C1C HEM B . 4.07 -3.30 0.85
C2C HEM B . 4.61 -4.59 0.70
C3C HEM B . 4.36 -5.29 1.86
C4C HEM B . 3.65 -4.40 2.75
CMC HEM B . 5.36 -5.21 -0.47
CAC HEM B . 4.88 -6.68 1.93
CBC HEM B . 4.83 -7.46 2.99
C1D HEM B . 2.59 -3.70 4.84
C2D HEM B . 2.20 -4.00 6.22
C3D HEM B . 1.65 -2.88 6.77
C4D HEM B . 1.69 -1.89 5.68
CMD HEM B . 2.41 -5.30 6.92
CAD HEM B . 1.09 -2.72 8.17
CBD HEM B . 2.06 -2.39 9.30
CGD HEM B . 1.31 -1.94 10.58
O1D HEM B . 0.22 -1.31 10.46
O2D HEM B . 1.77 -2.17 11.76
NA HEM B . 1.70 0.12 3.61
NB HEM B . 2.91 -0.57 1.11
NC HEM B . 3.49 -3.21 2.09
ND HEM B . 2.26 -2.43 4.56
FE HEM B . 2.51 -1.57 2.93
#